data_6B2P
#
_entry.id   6B2P
#
_cell.length_a   117.952
_cell.length_b   123.146
_cell.length_c   45.193
_cell.angle_alpha   90.00
_cell.angle_beta   90.00
_cell.angle_gamma   90.00
#
_symmetry.space_group_name_H-M   'C 2 2 21'
#
loop_
_entity.id
_entity.type
_entity.pdbx_description
1 polymer 'Serine/threonine-protein kinase PknB'
2 non-polymer 5-{5-chloro-4-[(5-cyclopropyl-1H-pyrazol-3-yl)amino]pyrimidin-2-yl}thiophene-2-sulfonamide
#
_entity_poly.entity_id   1
_entity_poly.type   'polypeptide(L)'
_entity_poly.pdbx_seq_one_letter_code
;MTTPSHLSDRYELGEILGFGGMSEVHLARDLRLHRDVAVKVLRADLARDPSFYLRFRREAQNAAALNHPAIVAVYDTGEA
ETPAGPLPYIVMEYVDGVTLRDIVHTEGPMTPKRAIEVIADACQALNFSHQNGIIHRDVKPANIMISATNAVKVMDFGIA
RAIADSGNSVTQTAAVIGTAQYLSPEQARGDSVDARSDVYSLGCVLYEVLTGEPPFTGDSPVSVAYQHVREDPIPPSARH
EGLSADLDAVVLKALAKNPENRYQTAAEMRADLVRVHNG
;
_entity_poly.pdbx_strand_id   A
#
loop_
_chem_comp.id
_chem_comp.type
_chem_comp.name
_chem_comp.formula
CJJ non-polymer 5-{5-chloro-4-[(5-cyclopropyl-1H-pyrazol-3-yl)amino]pyrimidin-2-yl}thiophene-2-sulfonamide 'C14 H13 Cl N6 O2 S2'
#
# COMPACT_ATOMS: atom_id res chain seq x y z
N PRO A 4 -25.56 -7.44 -6.10
CA PRO A 4 -26.23 -8.70 -6.41
C PRO A 4 -25.56 -9.93 -5.82
N SER A 5 -26.27 -11.08 -5.86
CA SER A 5 -25.84 -12.38 -5.32
C SER A 5 -24.58 -12.93 -6.02
N HIS A 6 -24.66 -13.15 -7.35
CA HIS A 6 -23.58 -13.67 -8.17
C HIS A 6 -23.29 -12.71 -9.31
N LEU A 7 -22.04 -12.22 -9.40
CA LEU A 7 -21.63 -11.31 -10.48
C LEU A 7 -21.35 -12.13 -11.75
N SER A 8 -22.09 -11.80 -12.84
CA SER A 8 -22.04 -12.49 -14.15
C SER A 8 -22.31 -14.00 -14.03
N ASP A 9 -23.07 -14.41 -12.97
CA ASP A 9 -23.46 -15.79 -12.63
C ASP A 9 -22.23 -16.70 -12.45
N ARG A 10 -21.13 -16.17 -11.84
CA ARG A 10 -19.87 -16.89 -11.64
C ARG A 10 -19.15 -16.55 -10.32
N TYR A 11 -19.37 -15.34 -9.78
CA TYR A 11 -18.69 -14.89 -8.56
C TYR A 11 -19.64 -14.72 -7.35
N GLU A 12 -19.76 -15.78 -6.53
CA GLU A 12 -20.62 -15.81 -5.34
C GLU A 12 -20.03 -14.91 -4.23
N LEU A 13 -20.48 -13.63 -4.18
CA LEU A 13 -20.01 -12.62 -3.21
C LEU A 13 -20.27 -13.00 -1.76
N GLY A 14 -19.36 -12.61 -0.89
CA GLY A 14 -19.42 -12.88 0.53
C GLY A 14 -19.21 -11.65 1.39
N GLU A 15 -18.47 -11.83 2.50
CA GLU A 15 -18.20 -10.79 3.49
C GLU A 15 -17.34 -9.62 2.94
N ILE A 16 -17.61 -8.41 3.44
CA ILE A 16 -16.86 -7.22 3.08
C ILE A 16 -15.54 -7.28 3.83
N LEU A 17 -14.42 -7.15 3.09
CA LEU A 17 -13.08 -7.15 3.67
C LEU A 17 -12.65 -5.70 3.98
N GLY A 18 -13.24 -4.77 3.25
CA GLY A 18 -13.00 -3.34 3.39
C GLY A 18 -13.78 -2.52 2.39
N PHE A 19 -13.93 -1.22 2.65
CA PHE A 19 -14.62 -0.30 1.75
C PHE A 19 -13.90 1.05 1.71
N GLY A 20 -14.22 1.85 0.71
CA GLY A 20 -13.62 3.16 0.50
C GLY A 20 -14.57 4.15 -0.13
N GLY A 21 -14.03 5.22 -0.70
CA GLY A 21 -14.81 6.29 -1.32
C GLY A 21 -15.52 5.94 -2.60
N MET A 22 -14.86 5.16 -3.48
CA MET A 22 -15.40 4.79 -4.79
C MET A 22 -15.76 3.31 -4.93
N SER A 23 -14.95 2.42 -4.32
CA SER A 23 -15.09 0.98 -4.44
C SER A 23 -15.14 0.22 -3.12
N GLU A 24 -15.89 -0.90 -3.09
CA GLU A 24 -16.06 -1.81 -1.94
C GLU A 24 -15.42 -3.17 -2.27
N VAL A 25 -14.52 -3.67 -1.41
CA VAL A 25 -13.80 -4.93 -1.59
C VAL A 25 -14.46 -6.08 -0.82
N HIS A 26 -14.92 -7.10 -1.56
CA HIS A 26 -15.58 -8.29 -1.03
C HIS A 26 -14.68 -9.52 -1.16
N LEU A 27 -15.05 -10.60 -0.47
CA LEU A 27 -14.41 -11.91 -0.61
C LEU A 27 -15.47 -12.76 -1.31
N ALA A 28 -15.09 -13.38 -2.44
CA ALA A 28 -16.02 -14.18 -3.22
C ALA A 28 -15.45 -15.54 -3.64
N ARG A 29 -16.28 -16.37 -4.29
CA ARG A 29 -15.84 -17.67 -4.76
C ARG A 29 -16.13 -17.81 -6.27
N ASP A 30 -15.06 -17.90 -7.09
CA ASP A 30 -15.13 -18.08 -8.54
C ASP A 30 -15.62 -19.52 -8.75
N LEU A 31 -16.94 -19.67 -9.00
CA LEU A 31 -17.62 -20.95 -9.21
C LEU A 31 -17.03 -21.83 -10.32
N ARG A 32 -16.54 -21.22 -11.41
CA ARG A 32 -15.95 -21.96 -12.55
C ARG A 32 -14.63 -22.64 -12.18
N LEU A 33 -13.78 -21.94 -11.39
CA LEU A 33 -12.43 -22.38 -10.96
C LEU A 33 -12.34 -22.99 -9.54
N HIS A 34 -13.42 -22.86 -8.74
CA HIS A 34 -13.52 -23.34 -7.35
C HIS A 34 -12.41 -22.77 -6.46
N ARG A 35 -12.28 -21.44 -6.49
CA ARG A 35 -11.28 -20.74 -5.69
C ARG A 35 -11.80 -19.44 -5.08
N ASP A 36 -11.25 -19.08 -3.92
CA ASP A 36 -11.58 -17.84 -3.22
C ASP A 36 -10.80 -16.71 -3.88
N VAL A 37 -11.52 -15.63 -4.20
CA VAL A 37 -10.99 -14.43 -4.86
C VAL A 37 -11.46 -13.16 -4.13
N ALA A 38 -10.72 -12.05 -4.30
CA ALA A 38 -11.12 -10.76 -3.73
C ALA A 38 -11.71 -9.97 -4.88
N VAL A 39 -12.99 -9.57 -4.75
CA VAL A 39 -13.68 -8.84 -5.82
C VAL A 39 -13.94 -7.38 -5.42
N LYS A 40 -13.31 -6.44 -6.16
CA LYS A 40 -13.47 -5.00 -6.00
C LYS A 40 -14.58 -4.55 -6.95
N VAL A 41 -15.67 -4.00 -6.39
CA VAL A 41 -16.88 -3.55 -7.08
C VAL A 41 -17.03 -2.01 -6.94
N LEU A 42 -17.54 -1.34 -8.00
CA LEU A 42 -17.79 0.11 -7.99
C LEU A 42 -19.12 0.43 -7.29
N ARG A 43 -19.22 1.63 -6.69
CA ARG A 43 -20.37 2.14 -5.92
C ARG A 43 -21.75 2.06 -6.61
N ALA A 44 -21.80 1.67 -7.90
CA ALA A 44 -22.98 1.53 -8.78
C ALA A 44 -23.55 2.88 -9.23
N ASP A 45 -23.59 3.87 -8.32
CA ASP A 45 -24.05 5.24 -8.59
C ASP A 45 -22.97 6.00 -9.37
N LEU A 46 -21.68 5.59 -9.20
CA LEU A 46 -20.52 6.15 -9.88
C LEU A 46 -20.32 5.48 -11.25
N ALA A 47 -20.87 4.26 -11.42
CA ALA A 47 -20.80 3.46 -12.64
C ALA A 47 -21.56 4.10 -13.81
N ARG A 48 -22.55 4.96 -13.50
CA ARG A 48 -23.36 5.68 -14.48
C ARG A 48 -22.74 7.05 -14.81
N ASP A 49 -21.39 7.16 -14.67
CA ASP A 49 -20.61 8.37 -14.92
C ASP A 49 -19.37 8.03 -15.80
N PRO A 50 -19.12 8.75 -16.93
CA PRO A 50 -17.96 8.43 -17.78
C PRO A 50 -16.59 8.76 -17.16
N SER A 51 -16.54 9.70 -16.19
CA SER A 51 -15.30 10.09 -15.50
C SER A 51 -14.83 9.01 -14.54
N PHE A 52 -15.77 8.41 -13.77
CA PHE A 52 -15.50 7.35 -12.80
C PHE A 52 -15.20 5.99 -13.47
N TYR A 53 -16.01 5.61 -14.49
CA TYR A 53 -15.89 4.35 -15.25
C TYR A 53 -14.50 4.23 -15.90
N LEU A 54 -13.97 5.35 -16.42
CA LEU A 54 -12.65 5.45 -17.07
C LEU A 54 -11.54 5.22 -16.04
N ARG A 55 -11.74 5.73 -14.81
CA ARG A 55 -10.80 5.60 -13.71
C ARG A 55 -10.74 4.15 -13.20
N PHE A 56 -11.91 3.47 -13.10
CA PHE A 56 -12.01 2.08 -12.62
C PHE A 56 -11.47 1.06 -13.62
N ARG A 57 -11.80 1.21 -14.92
CA ARG A 57 -11.34 0.31 -15.99
C ARG A 57 -9.85 0.45 -16.24
N ARG A 58 -9.28 1.66 -16.04
CA ARG A 58 -7.84 1.90 -16.19
C ARG A 58 -7.08 1.45 -14.95
N GLU A 59 -7.73 1.45 -13.76
CA GLU A 59 -7.16 0.98 -12.47
C GLU A 59 -6.87 -0.52 -12.60
N ALA A 60 -7.78 -1.26 -13.26
CA ALA A 60 -7.69 -2.69 -13.53
C ALA A 60 -6.49 -2.98 -14.44
N GLN A 61 -6.40 -2.25 -15.58
CA GLN A 61 -5.34 -2.36 -16.59
C GLN A 61 -3.95 -2.06 -16.05
N ASN A 62 -3.83 -1.09 -15.14
CA ASN A 62 -2.55 -0.70 -14.54
C ASN A 62 -2.10 -1.78 -13.58
N ALA A 63 -3.04 -2.33 -12.78
CA ALA A 63 -2.77 -3.39 -11.82
C ALA A 63 -2.45 -4.73 -12.49
N ALA A 64 -3.11 -5.03 -13.64
CA ALA A 64 -2.91 -6.24 -14.46
C ALA A 64 -1.53 -6.25 -15.09
N ALA A 65 -0.95 -5.06 -15.30
CA ALA A 65 0.38 -4.86 -15.88
C ALA A 65 1.51 -5.28 -14.95
N LEU A 66 1.23 -5.51 -13.65
CA LEU A 66 2.27 -5.92 -12.71
C LEU A 66 2.03 -7.33 -12.22
N ASN A 67 2.96 -8.24 -12.57
CA ASN A 67 3.00 -9.64 -12.16
C ASN A 67 4.29 -9.87 -11.36
N HIS A 68 4.16 -9.84 -10.01
CA HIS A 68 5.23 -10.02 -9.02
C HIS A 68 4.61 -10.67 -7.78
N PRO A 69 5.34 -11.57 -7.08
CA PRO A 69 4.77 -12.25 -5.90
C PRO A 69 4.39 -11.35 -4.74
N ALA A 70 5.04 -10.18 -4.60
CA ALA A 70 4.73 -9.26 -3.50
C ALA A 70 3.64 -8.25 -3.89
N ILE A 71 3.06 -8.39 -5.10
CA ILE A 71 1.98 -7.51 -5.55
C ILE A 71 0.74 -8.37 -5.80
N VAL A 72 -0.37 -8.03 -5.13
CA VAL A 72 -1.68 -8.68 -5.23
C VAL A 72 -2.09 -8.67 -6.73
N ALA A 73 -2.34 -9.86 -7.28
CA ALA A 73 -2.67 -10.09 -8.69
C ALA A 73 -4.10 -9.79 -9.12
N VAL A 74 -4.28 -9.37 -10.38
CA VAL A 74 -5.58 -9.14 -11.03
C VAL A 74 -5.79 -10.39 -11.88
N TYR A 75 -6.96 -11.05 -11.76
CA TYR A 75 -7.26 -12.27 -12.50
C TYR A 75 -8.22 -12.02 -13.65
N ASP A 76 -9.32 -11.30 -13.37
CA ASP A 76 -10.40 -11.03 -14.33
C ASP A 76 -11.00 -9.63 -14.09
N THR A 77 -11.81 -9.13 -15.04
CA THR A 77 -12.56 -7.87 -14.96
C THR A 77 -13.88 -8.04 -15.71
N GLY A 78 -14.88 -7.23 -15.37
CA GLY A 78 -16.18 -7.33 -16.03
C GLY A 78 -17.23 -6.37 -15.57
N GLU A 79 -18.49 -6.70 -15.90
CA GLU A 79 -19.69 -5.93 -15.59
C GLU A 79 -20.85 -6.86 -15.19
N ALA A 80 -21.61 -6.50 -14.13
CA ALA A 80 -22.74 -7.28 -13.61
C ALA A 80 -24.09 -6.80 -14.15
N GLU A 81 -24.95 -7.76 -14.54
CA GLU A 81 -26.28 -7.54 -15.12
C GLU A 81 -27.36 -7.15 -14.08
N THR A 82 -27.25 -5.93 -13.51
CA THR A 82 -28.22 -5.42 -12.54
C THR A 82 -29.27 -4.56 -13.27
N PRO A 83 -30.53 -4.41 -12.77
CA PRO A 83 -31.49 -3.55 -13.47
C PRO A 83 -31.13 -2.06 -13.35
N ALA A 84 -30.32 -1.72 -12.32
CA ALA A 84 -29.81 -0.37 -12.01
C ALA A 84 -28.87 0.15 -13.10
N GLY A 85 -28.11 -0.77 -13.71
CA GLY A 85 -27.14 -0.47 -14.76
C GLY A 85 -25.92 -1.36 -14.73
N PRO A 86 -25.00 -1.26 -15.73
CA PRO A 86 -23.80 -2.12 -15.73
C PRO A 86 -22.91 -1.85 -14.53
N LEU A 87 -22.56 -2.91 -13.79
CA LEU A 87 -21.75 -2.80 -12.58
C LEU A 87 -20.30 -3.32 -12.78
N PRO A 88 -19.30 -2.39 -12.93
CA PRO A 88 -17.92 -2.85 -13.15
C PRO A 88 -17.26 -3.47 -11.94
N TYR A 89 -16.50 -4.55 -12.18
CA TYR A 89 -15.80 -5.25 -11.12
C TYR A 89 -14.46 -5.79 -11.56
N ILE A 90 -13.51 -5.85 -10.62
CA ILE A 90 -12.15 -6.39 -10.79
C ILE A 90 -12.03 -7.63 -9.89
N VAL A 91 -11.62 -8.77 -10.46
CA VAL A 91 -11.42 -10.02 -9.74
C VAL A 91 -9.93 -10.12 -9.45
N MET A 92 -9.59 -10.22 -8.18
CA MET A 92 -8.21 -10.23 -7.74
C MET A 92 -7.83 -11.40 -6.84
N GLU A 93 -6.52 -11.63 -6.72
CA GLU A 93 -5.89 -12.63 -5.86
C GLU A 93 -6.37 -12.42 -4.43
N TYR A 94 -6.87 -13.49 -3.77
CA TYR A 94 -7.29 -13.38 -2.37
C TYR A 94 -6.09 -13.62 -1.46
N VAL A 95 -5.84 -12.65 -0.57
CA VAL A 95 -4.76 -12.74 0.41
C VAL A 95 -5.41 -12.82 1.77
N ASP A 96 -5.43 -14.03 2.35
CA ASP A 96 -5.97 -14.28 3.68
C ASP A 96 -4.93 -13.79 4.69
N GLY A 97 -5.01 -12.51 5.05
CA GLY A 97 -4.08 -11.89 5.97
C GLY A 97 -4.60 -10.66 6.69
N VAL A 98 -3.66 -9.87 7.25
CA VAL A 98 -3.92 -8.64 8.00
C VAL A 98 -2.99 -7.53 7.58
N THR A 99 -3.46 -6.27 7.59
CA THR A 99 -2.62 -5.14 7.19
C THR A 99 -1.64 -4.77 8.30
N LEU A 100 -0.54 -4.07 7.93
CA LEU A 100 0.45 -3.57 8.87
C LEU A 100 -0.24 -2.64 9.88
N ARG A 101 -1.27 -1.90 9.41
CA ARG A 101 -2.12 -1.02 10.21
C ARG A 101 -2.76 -1.83 11.34
N ASP A 102 -3.39 -2.98 10.99
CA ASP A 102 -4.02 -3.88 11.98
C ASP A 102 -2.99 -4.44 12.96
N ILE A 103 -1.82 -4.87 12.44
CA ILE A 103 -0.75 -5.43 13.26
C ILE A 103 -0.21 -4.40 14.28
N VAL A 104 0.12 -3.18 13.82
CA VAL A 104 0.63 -2.07 14.64
C VAL A 104 -0.40 -1.66 15.73
N HIS A 105 -1.68 -1.57 15.35
CA HIS A 105 -2.78 -1.18 16.25
C HIS A 105 -3.12 -2.24 17.32
N THR A 106 -3.13 -3.53 16.97
CA THR A 106 -3.53 -4.62 17.87
C THR A 106 -2.39 -5.34 18.58
N GLU A 107 -1.23 -5.52 17.92
CA GLU A 107 -0.08 -6.24 18.50
C GLU A 107 1.11 -5.33 18.89
N GLY A 108 1.02 -4.05 18.52
CA GLY A 108 2.06 -3.07 18.81
C GLY A 108 3.19 -3.13 17.80
N PRO A 109 4.31 -2.39 18.03
CA PRO A 109 5.42 -2.45 17.06
C PRO A 109 6.00 -3.85 16.85
N MET A 110 6.64 -4.05 15.70
CA MET A 110 7.26 -5.31 15.33
C MET A 110 8.66 -5.37 15.88
N THR A 111 9.23 -6.60 16.03
CA THR A 111 10.62 -6.76 16.46
C THR A 111 11.50 -6.19 15.32
N PRO A 112 12.63 -5.52 15.62
CA PRO A 112 13.45 -4.93 14.53
C PRO A 112 13.67 -5.86 13.35
N LYS A 113 14.09 -7.12 13.60
CA LYS A 113 14.38 -8.13 12.58
C LYS A 113 13.17 -8.51 11.72
N ARG A 114 11.95 -8.55 12.30
CA ARG A 114 10.74 -8.85 11.54
C ARG A 114 10.30 -7.62 10.70
N ALA A 115 10.48 -6.41 11.25
CA ALA A 115 10.17 -5.15 10.60
C ALA A 115 11.08 -4.94 9.38
N ILE A 116 12.38 -5.33 9.51
CA ILE A 116 13.35 -5.24 8.41
C ILE A 116 12.92 -6.23 7.31
N GLU A 117 12.65 -7.50 7.68
CA GLU A 117 12.19 -8.55 6.77
C GLU A 117 10.93 -8.13 5.98
N VAL A 118 9.96 -7.45 6.64
CA VAL A 118 8.71 -7.02 6.02
C VAL A 118 8.94 -5.88 5.05
N ILE A 119 9.62 -4.80 5.48
CA ILE A 119 9.88 -3.62 4.62
C ILE A 119 10.87 -3.96 3.46
N ALA A 120 11.84 -4.87 3.70
CA ALA A 120 12.78 -5.28 2.66
C ALA A 120 12.02 -5.95 1.49
N ASP A 121 11.03 -6.81 1.81
CA ASP A 121 10.18 -7.47 0.83
C ASP A 121 9.26 -6.47 0.12
N ALA A 122 8.78 -5.43 0.82
CA ALA A 122 7.94 -4.37 0.24
C ALA A 122 8.72 -3.54 -0.79
N CYS A 123 10.05 -3.31 -0.53
CA CYS A 123 10.99 -2.60 -1.42
C CYS A 123 11.00 -3.27 -2.79
N GLN A 124 11.06 -4.64 -2.81
CA GLN A 124 11.07 -5.49 -4.01
C GLN A 124 9.86 -5.29 -4.88
N ALA A 125 8.67 -5.28 -4.25
CA ALA A 125 7.41 -5.04 -4.95
C ALA A 125 7.46 -3.65 -5.64
N LEU A 126 7.90 -2.60 -4.90
CA LEU A 126 8.00 -1.21 -5.38
C LEU A 126 9.01 -1.02 -6.53
N ASN A 127 10.19 -1.65 -6.40
CA ASN A 127 11.24 -1.55 -7.42
C ASN A 127 10.79 -2.17 -8.74
N PHE A 128 9.98 -3.24 -8.68
CA PHE A 128 9.41 -3.90 -9.86
C PHE A 128 8.43 -2.94 -10.55
N SER A 129 7.59 -2.29 -9.74
CA SER A 129 6.60 -1.32 -10.20
C SER A 129 7.30 -0.21 -10.96
N HIS A 130 8.36 0.38 -10.35
CA HIS A 130 9.17 1.44 -10.94
C HIS A 130 9.82 1.01 -12.25
N GLN A 131 10.29 -0.25 -12.31
CA GLN A 131 10.90 -0.87 -13.49
C GLN A 131 9.88 -0.97 -14.64
N ASN A 132 8.59 -1.11 -14.28
CA ASN A 132 7.47 -1.17 -15.22
C ASN A 132 6.77 0.20 -15.34
N GLY A 133 7.49 1.24 -14.93
CA GLY A 133 7.08 2.65 -15.02
C GLY A 133 5.87 3.09 -14.23
N ILE A 134 5.52 2.36 -13.15
CA ILE A 134 4.37 2.71 -12.29
C ILE A 134 4.82 3.17 -10.90
N ILE A 135 4.36 4.36 -10.47
CA ILE A 135 4.66 4.89 -9.14
C ILE A 135 3.39 4.66 -8.26
N HIS A 136 3.54 3.94 -7.13
CA HIS A 136 2.43 3.57 -6.26
C HIS A 136 1.53 4.75 -5.83
N ARG A 137 2.14 5.89 -5.41
CA ARG A 137 1.49 7.15 -4.99
C ARG A 137 0.76 7.10 -3.65
N ASP A 138 0.57 5.90 -3.02
CA ASP A 138 -0.19 5.78 -1.76
C ASP A 138 0.38 4.73 -0.74
N VAL A 139 1.72 4.64 -0.57
CA VAL A 139 2.31 3.66 0.38
C VAL A 139 1.95 4.06 1.83
N LYS A 140 1.30 3.15 2.55
CA LYS A 140 0.82 3.33 3.92
C LYS A 140 0.61 1.95 4.57
N PRO A 141 0.52 1.81 5.93
CA PRO A 141 0.33 0.46 6.51
C PRO A 141 -0.88 -0.32 5.99
N ALA A 142 -1.97 0.39 5.65
CA ALA A 142 -3.22 -0.17 5.12
C ALA A 142 -3.06 -0.85 3.77
N ASN A 143 -1.95 -0.61 3.06
CA ASN A 143 -1.72 -1.18 1.73
C ASN A 143 -0.66 -2.26 1.70
N ILE A 144 -0.17 -2.69 2.87
CA ILE A 144 0.79 -3.79 2.98
C ILE A 144 0.18 -4.82 3.92
N MET A 145 -0.05 -6.04 3.39
CA MET A 145 -0.64 -7.14 4.15
C MET A 145 0.42 -8.18 4.40
N ILE A 146 0.16 -9.04 5.40
CA ILE A 146 0.98 -10.21 5.71
C ILE A 146 0.07 -11.41 5.56
N SER A 147 0.43 -12.31 4.65
CA SER A 147 -0.27 -13.54 4.30
C SER A 147 -0.36 -14.53 5.49
N ALA A 148 -1.21 -15.60 5.33
CA ALA A 148 -1.34 -16.68 6.31
C ALA A 148 -0.06 -17.54 6.25
N THR A 149 0.67 -17.44 5.11
CA THR A 149 1.96 -18.08 4.81
C THR A 149 3.11 -17.11 5.21
N ASN A 150 2.76 -15.96 5.85
CA ASN A 150 3.63 -14.89 6.34
C ASN A 150 4.25 -14.02 5.21
N ALA A 151 3.82 -14.26 3.95
CA ALA A 151 4.26 -13.53 2.76
C ALA A 151 3.83 -12.03 2.76
N VAL A 152 4.70 -11.14 2.25
CA VAL A 152 4.40 -9.70 2.17
C VAL A 152 3.65 -9.43 0.85
N LYS A 153 2.44 -8.83 0.93
CA LYS A 153 1.60 -8.51 -0.24
C LYS A 153 1.18 -7.04 -0.27
N VAL A 154 1.49 -6.34 -1.37
CA VAL A 154 1.18 -4.92 -1.55
C VAL A 154 0.02 -4.73 -2.52
N MET A 155 -0.95 -3.90 -2.14
CA MET A 155 -2.14 -3.57 -2.92
C MET A 155 -2.22 -2.08 -3.22
N ASP A 156 -3.22 -1.67 -4.02
CA ASP A 156 -3.52 -0.29 -4.38
C ASP A 156 -2.48 0.36 -5.33
N PHE A 157 -1.99 -0.39 -6.33
CA PHE A 157 -1.08 0.15 -7.32
C PHE A 157 -1.90 0.93 -8.36
N GLY A 158 -1.81 2.26 -8.29
CA GLY A 158 -2.53 3.20 -9.15
C GLY A 158 -3.41 4.17 -8.38
N THR A 179 -5.56 10.50 4.08
CA THR A 179 -4.21 10.12 4.51
C THR A 179 -3.19 11.26 4.23
N ALA A 180 -2.72 11.95 5.30
CA ALA A 180 -1.72 13.03 5.21
C ALA A 180 -0.39 12.66 5.89
N GLN A 181 -0.44 11.66 6.82
CA GLN A 181 0.67 11.17 7.64
C GLN A 181 1.82 10.53 6.89
N TYR A 182 1.55 9.91 5.72
CA TYR A 182 2.57 9.18 4.92
C TYR A 182 2.86 9.80 3.55
N LEU A 183 2.66 11.11 3.43
CA LEU A 183 2.92 11.87 2.21
C LEU A 183 4.40 12.19 2.10
N SER A 184 4.90 12.32 0.88
CA SER A 184 6.26 12.78 0.63
C SER A 184 6.18 14.33 0.65
N PRO A 185 7.30 15.06 0.95
CA PRO A 185 7.24 16.52 0.90
C PRO A 185 6.74 17.06 -0.45
N GLU A 186 7.14 16.45 -1.59
CA GLU A 186 6.68 16.82 -2.93
C GLU A 186 5.17 16.68 -3.06
N GLN A 187 4.57 15.59 -2.51
CA GLN A 187 3.12 15.38 -2.48
C GLN A 187 2.45 16.46 -1.63
N ALA A 188 3.02 16.73 -0.44
CA ALA A 188 2.53 17.76 0.49
C ALA A 188 2.57 19.16 -0.14
N ARG A 189 3.60 19.43 -0.98
CA ARG A 189 3.76 20.70 -1.70
C ARG A 189 2.96 20.72 -3.01
N GLY A 190 2.41 19.56 -3.39
CA GLY A 190 1.63 19.39 -4.62
C GLY A 190 2.48 19.42 -5.88
N ASP A 191 3.75 19.00 -5.75
CA ASP A 191 4.76 18.92 -6.82
C ASP A 191 4.76 17.52 -7.46
N SER A 192 5.57 17.34 -8.52
CA SER A 192 5.76 16.09 -9.26
C SER A 192 6.28 14.96 -8.37
N VAL A 193 5.94 13.70 -8.71
CA VAL A 193 6.37 12.53 -7.92
C VAL A 193 7.10 11.48 -8.76
N ASP A 194 7.93 10.67 -8.08
CA ASP A 194 8.69 9.58 -8.67
C ASP A 194 8.96 8.46 -7.65
N ALA A 195 9.88 7.52 -7.97
CA ALA A 195 10.27 6.41 -7.12
C ALA A 195 10.74 6.87 -5.73
N ARG A 196 11.36 8.05 -5.64
CA ARG A 196 11.84 8.62 -4.39
C ARG A 196 10.68 8.99 -3.46
N SER A 197 9.51 9.39 -4.03
CA SER A 197 8.29 9.76 -3.28
C SER A 197 7.71 8.54 -2.60
N ASP A 198 7.89 7.36 -3.23
CA ASP A 198 7.47 6.07 -2.71
C ASP A 198 8.45 5.60 -1.63
N VAL A 199 9.78 5.81 -1.84
CA VAL A 199 10.84 5.47 -0.88
C VAL A 199 10.57 6.19 0.46
N TYR A 200 10.31 7.52 0.43
CA TYR A 200 9.99 8.35 1.60
C TYR A 200 8.78 7.78 2.32
N SER A 201 7.68 7.54 1.57
CA SER A 201 6.41 7.00 2.07
C SER A 201 6.62 5.66 2.77
N LEU A 202 7.48 4.79 2.20
CA LEU A 202 7.85 3.49 2.77
C LEU A 202 8.69 3.66 4.05
N GLY A 203 9.49 4.73 4.08
CA GLY A 203 10.29 5.10 5.25
C GLY A 203 9.41 5.41 6.44
N CYS A 204 8.24 6.05 6.19
CA CYS A 204 7.23 6.40 7.20
C CYS A 204 6.56 5.13 7.76
N VAL A 205 6.39 4.11 6.90
CA VAL A 205 5.82 2.80 7.23
C VAL A 205 6.83 2.05 8.09
N LEU A 206 8.12 1.99 7.65
CA LEU A 206 9.20 1.34 8.40
C LEU A 206 9.35 1.98 9.79
N TYR A 207 9.25 3.32 9.85
CA TYR A 207 9.33 4.08 11.10
C TYR A 207 8.18 3.64 12.00
N GLU A 208 6.94 3.54 11.46
CA GLU A 208 5.75 3.17 12.22
C GLU A 208 5.82 1.75 12.78
N VAL A 209 6.15 0.73 11.95
CA VAL A 209 6.25 -0.66 12.42
C VAL A 209 7.39 -0.82 13.46
N LEU A 210 8.42 0.05 13.42
CA LEU A 210 9.54 -0.01 14.36
C LEU A 210 9.22 0.60 15.71
N THR A 211 8.71 1.85 15.72
CA THR A 211 8.43 2.61 16.94
C THR A 211 7.00 2.53 17.47
N GLY A 212 6.04 2.16 16.61
CA GLY A 212 4.63 2.09 16.95
C GLY A 212 3.89 3.39 16.65
N GLU A 213 4.61 4.42 16.16
CA GLU A 213 4.07 5.75 15.85
C GLU A 213 4.57 6.26 14.47
N PRO A 214 3.77 7.06 13.69
CA PRO A 214 4.29 7.63 12.43
C PRO A 214 5.30 8.73 12.72
N PRO A 215 6.15 9.17 11.76
CA PRO A 215 7.17 10.19 12.08
C PRO A 215 6.62 11.53 12.57
N PHE A 216 5.46 11.95 12.03
CA PHE A 216 4.83 13.20 12.40
C PHE A 216 3.33 13.00 12.63
N THR A 217 2.81 13.67 13.67
CA THR A 217 1.39 13.68 14.08
C THR A 217 1.02 15.09 14.53
N GLY A 218 -0.22 15.47 14.24
CA GLY A 218 -0.81 16.76 14.60
C GLY A 218 -2.33 16.72 14.55
N ASP A 219 -2.97 17.67 15.26
CA ASP A 219 -4.43 17.75 15.35
C ASP A 219 -5.17 17.94 14.00
N SER A 220 -4.46 18.46 12.96
CA SER A 220 -4.99 18.71 11.62
C SER A 220 -4.08 18.11 10.55
N PRO A 221 -4.56 17.89 9.29
CA PRO A 221 -3.67 17.34 8.25
C PRO A 221 -2.59 18.33 7.79
N VAL A 222 -2.90 19.64 7.82
CA VAL A 222 -1.95 20.70 7.45
C VAL A 222 -0.78 20.74 8.48
N SER A 223 -1.08 20.46 9.77
CA SER A 223 -0.11 20.40 10.86
C SER A 223 0.93 19.31 10.59
N VAL A 224 0.48 18.22 9.94
CA VAL A 224 1.31 17.07 9.54
C VAL A 224 2.07 17.36 8.23
N ALA A 225 1.39 17.96 7.23
CA ALA A 225 1.97 18.32 5.93
C ALA A 225 3.17 19.23 6.09
N TYR A 226 3.05 20.26 6.95
CA TYR A 226 4.10 21.24 7.27
C TYR A 226 5.29 20.55 7.91
N GLN A 227 5.05 19.61 8.86
CA GLN A 227 6.11 18.88 9.55
C GLN A 227 6.95 18.08 8.55
N HIS A 228 6.29 17.45 7.56
CA HIS A 228 6.92 16.67 6.49
C HIS A 228 7.83 17.54 5.63
N VAL A 229 7.49 18.80 5.49
CA VAL A 229 8.22 19.75 4.66
C VAL A 229 9.36 20.46 5.42
N ARG A 230 9.11 20.89 6.67
CA ARG A 230 10.08 21.67 7.43
C ARG A 230 10.71 21.00 8.68
N GLU A 231 9.90 20.27 9.49
CA GLU A 231 10.37 19.66 10.74
C GLU A 231 11.11 18.34 10.53
N ASP A 232 12.37 18.27 11.00
CA ASP A 232 13.23 17.07 10.89
C ASP A 232 12.64 15.88 11.70
N PRO A 233 12.87 14.60 11.30
CA PRO A 233 12.26 13.48 12.05
C PRO A 233 12.99 13.11 13.34
N ILE A 234 12.20 12.75 14.39
CA ILE A 234 12.73 12.31 15.69
C ILE A 234 13.37 10.91 15.48
N PRO A 235 14.67 10.68 15.85
CA PRO A 235 15.28 9.36 15.63
C PRO A 235 14.50 8.19 16.27
N PRO A 236 14.40 7.05 15.56
CA PRO A 236 13.63 5.92 16.08
C PRO A 236 14.08 5.40 17.45
N SER A 237 15.40 5.34 17.70
CA SER A 237 15.98 4.88 18.97
C SER A 237 15.49 5.70 20.19
N ALA A 238 15.14 6.99 19.95
CA ALA A 238 14.65 7.93 20.94
C ALA A 238 13.16 7.74 21.30
N ARG A 239 12.33 7.34 20.31
CA ARG A 239 10.89 7.10 20.47
C ARG A 239 10.59 5.73 21.09
N HIS A 240 11.34 4.69 20.67
CA HIS A 240 11.17 3.32 21.16
C HIS A 240 12.53 2.75 21.52
N GLU A 241 12.59 2.10 22.68
CA GLU A 241 13.81 1.52 23.24
C GLU A 241 14.32 0.28 22.48
N GLY A 242 15.63 0.11 22.49
CA GLY A 242 16.33 -1.02 21.86
C GLY A 242 16.30 -1.06 20.34
N LEU A 243 16.65 0.08 19.71
CA LEU A 243 16.71 0.23 18.26
C LEU A 243 18.13 0.71 17.89
N SER A 244 18.84 -0.09 17.08
CA SER A 244 20.22 0.18 16.67
C SER A 244 20.37 1.48 15.87
N ALA A 245 21.49 2.19 16.10
CA ALA A 245 21.84 3.43 15.39
C ALA A 245 22.05 3.18 13.89
N ASP A 246 22.20 1.88 13.51
CA ASP A 246 22.34 1.39 12.14
C ASP A 246 21.00 1.56 11.44
N LEU A 247 19.91 1.19 12.14
CA LEU A 247 18.53 1.30 11.66
C LEU A 247 18.10 2.76 11.57
N ASP A 248 18.46 3.58 12.58
CA ASP A 248 18.19 5.01 12.64
C ASP A 248 18.68 5.71 11.37
N ALA A 249 19.91 5.35 10.93
CA ALA A 249 20.55 5.90 9.73
C ALA A 249 19.83 5.49 8.45
N VAL A 250 19.27 4.27 8.40
CA VAL A 250 18.55 3.78 7.23
C VAL A 250 17.21 4.52 7.09
N VAL A 251 16.41 4.51 8.20
CA VAL A 251 15.09 5.15 8.33
C VAL A 251 15.19 6.64 8.02
N LEU A 252 16.13 7.36 8.69
CA LEU A 252 16.32 8.80 8.47
C LEU A 252 16.83 9.13 7.05
N LYS A 253 17.45 8.15 6.33
CA LYS A 253 17.88 8.38 4.95
C LYS A 253 16.68 8.33 4.02
N ALA A 254 15.75 7.37 4.25
CA ALA A 254 14.51 7.25 3.48
C ALA A 254 13.65 8.50 3.75
N LEU A 255 13.70 9.01 4.99
CA LEU A 255 12.95 10.17 5.44
C LEU A 255 13.62 11.54 5.15
N ALA A 256 14.70 11.56 4.32
CA ALA A 256 15.38 12.82 3.97
C ALA A 256 14.43 13.75 3.22
N LYS A 257 14.48 15.05 3.56
CA LYS A 257 13.60 16.07 2.98
C LYS A 257 13.82 16.29 1.49
N ASN A 258 15.09 16.36 1.03
CA ASN A 258 15.43 16.51 -0.38
C ASN A 258 15.44 15.10 -1.03
N PRO A 259 14.76 14.88 -2.19
CA PRO A 259 14.75 13.55 -2.80
C PRO A 259 16.10 13.08 -3.31
N GLU A 260 17.02 14.02 -3.59
CA GLU A 260 18.37 13.68 -4.06
C GLU A 260 19.19 13.01 -2.93
N ASN A 261 18.91 13.40 -1.66
CA ASN A 261 19.54 12.86 -0.45
C ASN A 261 19.00 11.50 0.03
N ARG A 262 17.82 11.08 -0.47
CA ARG A 262 17.20 9.80 -0.12
C ARG A 262 17.84 8.72 -0.98
N TYR A 263 17.40 7.45 -0.78
CA TYR A 263 17.80 6.34 -1.61
C TYR A 263 17.15 6.64 -2.98
N GLN A 264 17.91 6.49 -4.06
CA GLN A 264 17.37 6.81 -5.39
C GLN A 264 16.42 5.71 -5.93
N THR A 265 16.56 4.47 -5.46
CA THR A 265 15.69 3.35 -5.83
C THR A 265 15.22 2.61 -4.57
N ALA A 266 14.20 1.76 -4.70
CA ALA A 266 13.76 0.95 -3.57
C ALA A 266 14.74 -0.24 -3.39
N ALA A 267 15.48 -0.58 -4.46
CA ALA A 267 16.52 -1.62 -4.45
C ALA A 267 17.64 -1.15 -3.53
N GLU A 268 18.00 0.15 -3.62
CA GLU A 268 19.02 0.80 -2.82
C GLU A 268 18.68 0.70 -1.32
N MET A 269 17.40 0.93 -0.99
CA MET A 269 16.89 0.86 0.37
C MET A 269 16.97 -0.57 0.92
N ARG A 270 16.51 -1.58 0.14
CA ARG A 270 16.55 -3.00 0.54
C ARG A 270 17.97 -3.42 0.85
N ALA A 271 18.93 -3.07 -0.04
CA ALA A 271 20.36 -3.33 0.10
C ALA A 271 20.89 -2.84 1.46
N ASP A 272 20.51 -1.61 1.88
CA ASP A 272 20.92 -1.04 3.16
C ASP A 272 20.26 -1.75 4.35
N LEU A 273 18.98 -2.16 4.20
CA LEU A 273 18.22 -2.87 5.24
C LEU A 273 18.81 -4.25 5.48
N VAL A 274 19.09 -4.98 4.38
CA VAL A 274 19.67 -6.32 4.34
C VAL A 274 20.99 -6.32 5.15
N ARG A 275 21.75 -5.22 5.08
CA ARG A 275 23.02 -5.04 5.78
C ARG A 275 22.87 -4.88 7.29
N VAL A 276 21.88 -4.09 7.75
CA VAL A 276 21.61 -3.84 9.18
C VAL A 276 21.24 -5.18 9.85
N HIS A 277 20.36 -5.92 9.18
CA HIS A 277 19.85 -7.25 9.55
C HIS A 277 21.00 -8.26 9.78
N ASN A 278 22.05 -8.21 8.91
CA ASN A 278 23.24 -9.07 8.94
C ASN A 278 24.44 -8.31 9.50
C5 CJJ B . -8.37 -5.63 3.14
C6 CJJ B . -8.27 -7.06 3.43
C8 CJJ B . -8.41 -8.82 4.90
C10 CJJ B . -8.06 -9.20 2.54
N12 CJJ B . -7.85 -9.99 1.40
C13 CJJ B . -7.61 -9.42 0.13
C15 CJJ B . -7.51 -7.90 -1.50
C20 CJJ B . -6.77 -6.24 -3.37
C21 CJJ B . -8.23 -6.63 -3.62
C1 CJJ B . -7.91 -4.62 3.91
C2 CJJ B . -8.18 -3.38 3.40
C3 CJJ B . -8.85 -3.39 2.25
S4 CJJ B . -9.19 -5.02 1.72
N7 CJJ B . -8.44 -7.52 4.66
C9 CJJ B . -8.20 -9.73 3.85
N11 CJJ B . -8.10 -7.88 2.40
C14 CJJ B . -7.88 -8.10 -0.23
N16 CJJ B . -7.04 -9.07 -1.98
N18 CJJ B . -7.11 -10.00 -0.93
C19 CJJ B . -7.68 -6.59 -2.20
CL22 CJJ B . -8.18 -11.42 4.25
S23 CJJ B . -9.35 -1.96 1.34
O24 CJJ B . -10.77 -2.02 1.31
O25 CJJ B . -8.60 -0.87 1.89
N26 CJJ B . -8.84 -2.16 -0.22
#